data_1B3W
#
_entry.id   1B3W
#
_cell.length_a   81.120
_cell.length_b   81.120
_cell.length_c   113.600
_cell.angle_alpha   90.00
_cell.angle_beta   90.00
_cell.angle_gamma   120.00
#
_symmetry.space_group_name_H-M   'P 31 2 1'
#
loop_
_entity.id
_entity.type
_entity.pdbx_description
1 polymer 'PROTEIN (XYLANASE)'
2 branched alpha-D-xylopyranose-(1-4)-beta-D-xylopyranose
3 non-polymer beta-D-xylopyranose
4 water water
#
_entity_poly.entity_id   1
_entity_poly.type   'polypeptide(L)'
_entity_poly.pdbx_seq_one_letter_code
;(PCA)ASVSIDAKFKAHGKKYLGTIGDQYTLTKNTKNPAIIKADFGQLTPENSMKWDATEPNRGQFTFSGSDYLVNFAQS
NGKLIRGHTLVWHSQLPGWVSSITDKNTLISVLKNHITTVMTRYKGKIYAWDVLNEIFNEDGSLRNSVFYNVIGEDYVRI
AFETARSVDPNAKLYINDYNLDSAGYSKVNGMVSHVKKWLAAGIPIDGIGSQTHLGAGAGSAVAGALNALASAGTKEIAI
TELDIAGASSTDYVNVVNACLNQAKCVGITVWGVADPDSWRSSSSPLLFDGNYNPKAAYNAIANAL
;
_entity_poly.pdbx_strand_id   A
#
# COMPACT_ATOMS: atom_id res chain seq x y z
N ALA A 2 -8.46 20.48 -6.97
CA ALA A 2 -7.51 21.34 -7.66
C ALA A 2 -7.87 21.23 -9.13
N SER A 3 -7.65 22.33 -9.87
CA SER A 3 -7.97 22.38 -11.30
C SER A 3 -7.09 21.42 -12.13
N VAL A 4 -5.83 21.30 -11.72
CA VAL A 4 -4.85 20.43 -12.37
C VAL A 4 -4.75 19.11 -11.61
N SER A 5 -5.03 18.01 -12.30
CA SER A 5 -4.98 16.68 -11.69
C SER A 5 -3.59 16.10 -11.79
N ILE A 6 -2.90 15.94 -10.67
CA ILE A 6 -1.56 15.35 -10.74
C ILE A 6 -1.65 13.90 -11.23
N ASP A 7 -2.75 13.22 -10.96
CA ASP A 7 -2.90 11.85 -11.42
C ASP A 7 -2.86 11.85 -12.93
N ALA A 8 -3.56 12.80 -13.55
CA ALA A 8 -3.58 12.91 -14.99
C ALA A 8 -2.17 13.15 -15.51
N LYS A 9 -1.49 14.13 -14.95
CA LYS A 9 -0.13 14.48 -15.37
C LYS A 9 0.87 13.33 -15.23
N PHE A 10 0.75 12.54 -14.16
CA PHE A 10 1.65 11.42 -13.91
C PHE A 10 1.39 10.34 -14.96
N LYS A 11 0.11 10.00 -15.15
CA LYS A 11 -0.29 9.00 -16.12
C LYS A 11 0.24 9.34 -17.51
N ALA A 12 0.30 10.63 -17.82
CA ALA A 12 0.77 11.10 -19.12
C ALA A 12 2.21 10.67 -19.37
N HIS A 13 2.95 10.41 -18.29
CA HIS A 13 4.34 9.96 -18.40
C HIS A 13 4.40 8.44 -18.45
N GLY A 14 3.25 7.81 -18.67
CA GLY A 14 3.20 6.36 -18.74
C GLY A 14 2.96 5.64 -17.43
N LYS A 15 2.85 6.39 -16.33
CA LYS A 15 2.60 5.78 -15.03
C LYS A 15 1.13 5.37 -14.93
N LYS A 16 0.85 4.39 -14.06
CA LYS A 16 -0.50 3.89 -13.90
C LYS A 16 -1.47 4.74 -13.10
N TYR A 17 -0.98 5.43 -12.07
CA TYR A 17 -1.84 6.26 -11.24
C TYR A 17 -1.05 7.04 -10.20
N LEU A 18 -1.71 8.01 -9.61
CA LEU A 18 -1.18 8.80 -8.50
C LEU A 18 -2.49 8.84 -7.72
N GLY A 19 -2.53 8.10 -6.61
CA GLY A 19 -3.74 8.01 -5.83
C GLY A 19 -3.65 8.42 -4.38
N THR A 20 -4.68 8.06 -3.62
CA THR A 20 -4.76 8.41 -2.22
C THR A 20 -5.60 7.32 -1.51
N ILE A 21 -6.02 7.59 -0.28
CA ILE A 21 -6.81 6.61 0.48
C ILE A 21 -8.19 7.13 0.82
N GLY A 22 -9.01 6.26 1.40
CA GLY A 22 -10.35 6.64 1.80
C GLY A 22 -11.17 5.53 2.44
N ASP A 23 -12.34 5.93 2.94
CA ASP A 23 -13.31 5.05 3.60
C ASP A 23 -14.54 5.90 3.86
N GLN A 24 -15.65 5.27 4.25
CA GLN A 24 -16.90 5.99 4.48
C GLN A 24 -16.82 7.34 5.15
N TYR A 25 -16.20 7.42 6.32
CA TYR A 25 -16.10 8.70 7.02
C TYR A 25 -15.50 9.81 6.16
N THR A 26 -14.24 9.67 5.74
CA THR A 26 -13.61 10.72 4.95
C THR A 26 -14.27 11.01 3.61
N LEU A 27 -14.85 9.99 3.00
CA LEU A 27 -15.53 10.17 1.71
C LEU A 27 -16.88 10.87 1.91
N THR A 28 -17.30 11.06 3.16
CA THR A 28 -18.58 11.71 3.45
C THR A 28 -18.52 12.88 4.42
N LYS A 29 -17.45 12.98 5.20
CA LYS A 29 -17.31 14.06 6.18
C LYS A 29 -17.56 15.48 5.68
N ASN A 30 -17.43 15.68 4.36
CA ASN A 30 -17.67 16.99 3.75
C ASN A 30 -17.72 16.84 2.24
N THR A 31 -17.95 17.94 1.52
CA THR A 31 -18.04 17.94 0.05
C THR A 31 -16.73 17.95 -0.70
N LYS A 32 -15.74 18.65 -0.16
CA LYS A 32 -14.42 18.76 -0.79
C LYS A 32 -13.60 17.49 -0.89
N ASN A 33 -13.48 16.76 0.21
CA ASN A 33 -12.68 15.54 0.21
C ASN A 33 -13.00 14.57 -0.91
N PRO A 34 -14.28 14.17 -1.05
CA PRO A 34 -14.55 13.24 -2.14
C PRO A 34 -14.38 13.93 -3.49
N ALA A 35 -14.62 15.24 -3.54
CA ALA A 35 -14.48 16.01 -4.78
C ALA A 35 -13.01 16.08 -5.22
N ILE A 36 -12.12 16.11 -4.24
CA ILE A 36 -10.69 16.15 -4.51
C ILE A 36 -10.29 14.79 -5.03
N ILE A 37 -10.72 13.75 -4.35
CA ILE A 37 -10.40 12.40 -4.76
C ILE A 37 -10.80 12.15 -6.20
N LYS A 38 -12.05 12.45 -6.54
CA LYS A 38 -12.53 12.27 -7.90
C LYS A 38 -11.77 13.11 -8.93
N ALA A 39 -11.48 14.35 -8.58
CA ALA A 39 -10.80 15.25 -9.51
C ALA A 39 -9.30 15.10 -9.70
N ASP A 40 -8.56 14.89 -8.61
CA ASP A 40 -7.11 14.83 -8.74
C ASP A 40 -6.38 13.52 -8.53
N PHE A 41 -7.07 12.44 -8.18
CA PHE A 41 -6.40 11.18 -7.97
C PHE A 41 -7.02 10.10 -8.83
N GLY A 42 -6.29 9.00 -9.05
CA GLY A 42 -6.81 7.94 -9.91
C GLY A 42 -6.80 6.54 -9.33
N GLN A 43 -6.50 6.41 -8.06
CA GLN A 43 -6.47 5.12 -7.41
C GLN A 43 -6.81 5.31 -5.94
N LEU A 44 -7.39 4.29 -5.32
CA LEU A 44 -7.77 4.36 -3.90
C LEU A 44 -7.44 3.09 -3.15
N THR A 45 -6.91 3.28 -1.94
CA THR A 45 -6.57 2.20 -1.03
C THR A 45 -7.43 2.38 0.21
N PRO A 46 -8.18 1.35 0.63
CA PRO A 46 -9.03 1.47 1.81
C PRO A 46 -8.11 1.72 3.00
N GLU A 47 -8.35 2.81 3.71
CA GLU A 47 -7.51 3.17 4.86
C GLU A 47 -7.47 2.16 6.02
N ASN A 48 -8.60 1.47 6.24
CA ASN A 48 -8.71 0.48 7.32
C ASN A 48 -9.79 -0.60 7.08
N SER A 49 -10.75 -0.33 6.21
CA SER A 49 -11.85 -1.27 5.97
C SER A 49 -11.54 -2.68 5.48
N MET A 50 -10.34 -2.91 4.95
CA MET A 50 -9.99 -4.25 4.44
C MET A 50 -8.99 -5.02 5.30
N LYS A 51 -8.64 -4.47 6.46
CA LYS A 51 -7.71 -5.13 7.36
C LYS A 51 -8.40 -6.29 8.07
N TRP A 52 -7.61 -7.20 8.62
CA TRP A 52 -8.15 -8.39 9.28
C TRP A 52 -9.19 -8.10 10.39
N ASP A 53 -8.87 -7.16 11.28
CA ASP A 53 -9.77 -6.84 12.37
C ASP A 53 -11.12 -6.34 11.89
N ALA A 54 -11.13 -5.70 10.72
CA ALA A 54 -12.36 -5.16 10.16
C ALA A 54 -13.09 -6.05 9.16
N THR A 55 -12.44 -7.13 8.73
CA THR A 55 -13.06 -8.05 7.77
C THR A 55 -13.45 -9.39 8.36
N GLU A 56 -12.71 -9.83 9.37
CA GLU A 56 -12.99 -11.12 10.01
C GLU A 56 -12.79 -10.97 11.52
N PRO A 57 -13.68 -10.21 12.17
CA PRO A 57 -13.66 -9.94 13.62
C PRO A 57 -13.76 -11.21 14.47
N ASN A 58 -14.42 -12.23 13.93
CA ASN A 58 -14.59 -13.51 14.61
C ASN A 58 -14.34 -14.57 13.55
N ARG A 59 -13.73 -15.67 13.97
CA ARG A 59 -13.38 -16.77 13.09
C ARG A 59 -14.45 -17.19 12.10
N GLY A 60 -14.11 -17.11 10.82
CA GLY A 60 -15.03 -17.50 9.76
C GLY A 60 -16.21 -16.58 9.58
N GLN A 61 -16.24 -15.48 10.32
CA GLN A 61 -17.33 -14.54 10.24
C GLN A 61 -16.82 -13.20 9.78
N PHE A 62 -17.25 -12.86 8.56
CA PHE A 62 -16.85 -11.64 7.89
C PHE A 62 -17.86 -10.52 7.97
N THR A 63 -17.35 -9.30 7.90
CA THR A 63 -18.16 -8.10 7.97
C THR A 63 -17.61 -7.18 6.88
N PHE A 64 -18.30 -7.11 5.74
CA PHE A 64 -17.84 -6.31 4.60
C PHE A 64 -18.55 -5.00 4.29
N SER A 65 -19.26 -4.44 5.26
CA SER A 65 -19.98 -3.19 5.03
C SER A 65 -19.02 -2.08 4.59
N GLY A 66 -18.02 -1.80 5.41
CA GLY A 66 -17.04 -0.77 5.14
C GLY A 66 -16.24 -0.94 3.87
N SER A 67 -15.72 -2.14 3.63
CA SER A 67 -14.94 -2.40 2.42
C SER A 67 -15.82 -2.29 1.19
N ASP A 68 -17.03 -2.84 1.26
CA ASP A 68 -17.97 -2.76 0.14
C ASP A 68 -18.15 -1.32 -0.29
N TYR A 69 -18.24 -0.42 0.69
CA TYR A 69 -18.42 1.00 0.38
C TYR A 69 -17.26 1.61 -0.37
N LEU A 70 -16.05 1.39 0.16
CA LEU A 70 -14.81 1.91 -0.44
C LEU A 70 -14.67 1.39 -1.87
N VAL A 71 -14.78 0.07 -2.04
CA VAL A 71 -14.68 -0.54 -3.35
C VAL A 71 -15.72 0.03 -4.30
N ASN A 72 -16.98 0.06 -3.86
CA ASN A 72 -18.06 0.57 -4.69
C ASN A 72 -17.86 2.04 -5.07
N PHE A 73 -17.37 2.85 -4.15
CA PHE A 73 -17.15 4.25 -4.49
C PHE A 73 -16.11 4.32 -5.59
N ALA A 74 -14.97 3.68 -5.36
CA ALA A 74 -13.88 3.66 -6.33
C ALA A 74 -14.35 3.14 -7.69
N GLN A 75 -14.91 1.94 -7.73
CA GLN A 75 -15.38 1.38 -8.98
C GLN A 75 -16.34 2.32 -9.69
N SER A 76 -17.25 2.94 -8.94
CA SER A 76 -18.25 3.87 -9.48
C SER A 76 -17.63 5.14 -10.05
N ASN A 77 -16.42 5.47 -9.62
CA ASN A 77 -15.76 6.69 -10.08
C ASN A 77 -14.48 6.50 -10.89
N GLY A 78 -14.35 5.33 -11.50
CA GLY A 78 -13.19 5.03 -12.31
C GLY A 78 -11.84 5.09 -11.64
N LYS A 79 -11.77 4.75 -10.36
CA LYS A 79 -10.52 4.75 -9.62
C LYS A 79 -9.99 3.31 -9.49
N LEU A 80 -8.70 3.12 -9.68
CA LEU A 80 -8.12 1.78 -9.50
C LEU A 80 -8.16 1.54 -8.00
N ILE A 81 -8.04 0.29 -7.56
CA ILE A 81 -8.07 -0.01 -6.14
C ILE A 81 -6.92 -0.90 -5.72
N ARG A 82 -6.36 -0.65 -4.54
CA ARG A 82 -5.30 -1.49 -4.02
C ARG A 82 -5.81 -2.06 -2.71
N GLY A 83 -6.04 -3.37 -2.68
CA GLY A 83 -6.51 -4.02 -1.48
C GLY A 83 -5.41 -3.91 -0.42
N HIS A 84 -5.82 -3.79 0.83
CA HIS A 84 -4.85 -3.64 1.88
C HIS A 84 -5.49 -3.85 3.25
N THR A 85 -5.01 -4.84 4.00
CA THR A 85 -3.94 -5.74 3.59
C THR A 85 -4.32 -7.12 4.13
N LEU A 86 -3.96 -8.17 3.41
CA LEU A 86 -4.34 -9.53 3.78
C LEU A 86 -3.65 -10.21 4.96
N VAL A 87 -2.34 -10.05 5.10
CA VAL A 87 -1.60 -10.66 6.19
C VAL A 87 -0.74 -9.59 6.83
N TRP A 88 -0.91 -9.40 8.13
CA TRP A 88 -0.19 -8.37 8.87
C TRP A 88 -0.29 -8.75 10.35
N HIS A 89 0.70 -8.35 11.13
CA HIS A 89 0.73 -8.64 12.55
C HIS A 89 -0.02 -7.59 13.38
N SER A 90 -0.34 -6.47 12.74
CA SER A 90 -1.03 -5.39 13.42
C SER A 90 -2.47 -5.35 12.95
N GLN A 91 -3.35 -4.81 13.79
CA GLN A 91 -4.78 -4.74 13.49
C GLN A 91 -5.24 -6.15 13.11
N LEU A 92 -4.85 -7.09 13.97
CA LEU A 92 -5.15 -8.50 13.83
C LEU A 92 -5.97 -8.98 15.05
N PRO A 93 -7.11 -9.63 14.82
CA PRO A 93 -7.96 -10.12 15.92
C PRO A 93 -7.21 -11.09 16.82
N GLY A 94 -7.47 -11.00 18.12
CA GLY A 94 -6.82 -11.87 19.07
C GLY A 94 -7.05 -13.34 18.79
N TRP A 95 -8.17 -13.68 18.15
CA TRP A 95 -8.46 -15.06 17.85
C TRP A 95 -7.45 -15.68 16.89
N VAL A 96 -6.81 -14.82 16.09
CA VAL A 96 -5.81 -15.28 15.12
C VAL A 96 -4.48 -15.47 15.81
N SER A 97 -4.04 -14.42 16.50
CA SER A 97 -2.76 -14.43 17.17
C SER A 97 -2.63 -15.49 18.23
N SER A 98 -3.75 -15.97 18.75
CA SER A 98 -3.72 -16.99 19.78
C SER A 98 -3.54 -18.40 19.23
N ILE A 99 -3.76 -18.59 17.94
CA ILE A 99 -3.62 -19.91 17.32
C ILE A 99 -2.18 -20.39 17.45
N THR A 100 -2.03 -21.66 17.83
CA THR A 100 -0.71 -22.26 18.02
C THR A 100 -0.44 -23.43 17.05
N ASP A 101 -1.50 -24.01 16.49
CA ASP A 101 -1.38 -25.13 15.57
C ASP A 101 -1.15 -24.66 14.13
N LYS A 102 -0.04 -25.11 13.54
CA LYS A 102 0.38 -24.74 12.17
C LYS A 102 -0.67 -24.99 11.10
N ASN A 103 -1.18 -26.21 11.03
CA ASN A 103 -2.20 -26.54 10.04
C ASN A 103 -3.47 -25.74 10.25
N THR A 104 -3.77 -25.43 11.51
CA THR A 104 -4.96 -24.65 11.80
C THR A 104 -4.73 -23.21 11.35
N LEU A 105 -3.53 -22.68 11.59
CA LEU A 105 -3.23 -21.32 11.18
C LEU A 105 -3.23 -21.21 9.65
N ILE A 106 -2.69 -22.22 8.98
CA ILE A 106 -2.66 -22.24 7.53
C ILE A 106 -4.08 -22.23 6.97
N SER A 107 -4.96 -23.04 7.56
CA SER A 107 -6.35 -23.14 7.14
C SER A 107 -7.04 -21.79 7.25
N VAL A 108 -6.87 -21.17 8.41
CA VAL A 108 -7.44 -19.86 8.67
C VAL A 108 -6.91 -18.81 7.69
N LEU A 109 -5.59 -18.75 7.58
CA LEU A 109 -4.89 -17.81 6.69
C LEU A 109 -5.41 -17.91 5.27
N LYS A 110 -5.54 -19.12 4.77
CA LYS A 110 -6.03 -19.32 3.41
C LYS A 110 -7.50 -18.93 3.30
N ASN A 111 -8.28 -19.24 4.32
CA ASN A 111 -9.70 -18.89 4.29
C ASN A 111 -9.88 -17.38 4.25
N HIS A 112 -9.07 -16.65 5.00
CA HIS A 112 -9.18 -15.21 5.03
C HIS A 112 -8.82 -14.61 3.67
N ILE A 113 -7.69 -15.06 3.12
CA ILE A 113 -7.24 -14.58 1.83
C ILE A 113 -8.31 -14.86 0.79
N THR A 114 -8.81 -16.09 0.77
CA THR A 114 -9.83 -16.48 -0.19
C THR A 114 -11.13 -15.68 -0.09
N THR A 115 -11.77 -15.71 1.07
CA THR A 115 -13.04 -14.99 1.25
C THR A 115 -12.92 -13.52 0.91
N VAL A 116 -11.86 -12.88 1.37
CA VAL A 116 -11.71 -11.47 1.09
C VAL A 116 -11.41 -11.20 -0.39
N MET A 117 -10.45 -11.92 -0.96
CA MET A 117 -10.09 -11.72 -2.37
C MET A 117 -11.20 -12.08 -3.33
N THR A 118 -11.94 -13.13 -3.01
CA THR A 118 -13.02 -13.58 -3.85
C THR A 118 -14.13 -12.56 -3.95
N ARG A 119 -14.42 -11.89 -2.84
CA ARG A 119 -15.48 -10.91 -2.81
C ARG A 119 -15.29 -9.74 -3.78
N TYR A 120 -14.04 -9.40 -4.08
CA TYR A 120 -13.74 -8.29 -4.99
C TYR A 120 -12.98 -8.74 -6.23
N LYS A 121 -12.94 -10.06 -6.43
CA LYS A 121 -12.25 -10.67 -7.55
C LYS A 121 -12.51 -9.91 -8.85
N GLY A 122 -11.44 -9.50 -9.52
CA GLY A 122 -11.59 -8.78 -10.77
C GLY A 122 -11.70 -7.27 -10.66
N LYS A 123 -11.94 -6.76 -9.45
CA LYS A 123 -12.06 -5.31 -9.24
C LYS A 123 -10.81 -4.71 -8.59
N ILE A 124 -9.91 -5.58 -8.15
CA ILE A 124 -8.69 -5.13 -7.48
C ILE A 124 -7.44 -5.13 -8.39
N TYR A 125 -6.80 -3.97 -8.52
CA TYR A 125 -5.59 -3.84 -9.33
C TYR A 125 -4.42 -4.55 -8.67
N ALA A 126 -4.17 -4.24 -7.40
CA ALA A 126 -3.07 -4.83 -6.64
C ALA A 126 -3.45 -5.06 -5.19
N TRP A 127 -2.98 -6.17 -4.63
CA TRP A 127 -3.24 -6.53 -3.25
C TRP A 127 -1.94 -6.49 -2.46
N ASP A 128 -1.98 -5.94 -1.26
CA ASP A 128 -0.80 -5.96 -0.40
C ASP A 128 -1.03 -7.28 0.33
N VAL A 129 -0.53 -8.35 -0.26
CA VAL A 129 -0.70 -9.68 0.32
C VAL A 129 -0.04 -9.78 1.69
N LEU A 130 1.21 -9.35 1.77
CA LEU A 130 1.95 -9.39 3.04
C LEU A 130 2.32 -7.96 3.40
N ASN A 131 2.24 -7.63 4.68
CA ASN A 131 2.56 -6.29 5.11
C ASN A 131 3.51 -6.32 6.29
N GLU A 132 4.56 -5.53 6.19
CA GLU A 132 5.59 -5.39 7.22
C GLU A 132 6.05 -6.69 7.86
N ILE A 133 6.63 -7.59 7.08
CA ILE A 133 7.10 -8.85 7.63
C ILE A 133 8.60 -8.90 7.93
N PHE A 134 9.25 -7.74 7.88
CA PHE A 134 10.69 -7.66 8.13
C PHE A 134 11.05 -6.81 9.32
N ASN A 135 12.06 -7.25 10.06
CA ASN A 135 12.58 -6.48 11.18
C ASN A 135 13.48 -5.47 10.48
N GLU A 136 13.83 -4.38 11.15
CA GLU A 136 14.66 -3.36 10.54
C GLU A 136 15.99 -3.86 10.01
N ASP A 137 16.50 -4.91 10.63
CA ASP A 137 17.79 -5.49 10.21
C ASP A 137 17.70 -6.46 9.04
N GLY A 138 16.55 -6.54 8.40
CA GLY A 138 16.40 -7.41 7.25
C GLY A 138 15.89 -8.81 7.53
N SER A 139 15.91 -9.24 8.78
CA SER A 139 15.43 -10.57 9.13
C SER A 139 13.90 -10.59 9.18
N LEU A 140 13.32 -11.78 9.13
CA LEU A 140 11.88 -11.92 9.16
C LEU A 140 11.31 -11.64 10.54
N ARG A 141 10.24 -10.85 10.57
CA ARG A 141 9.57 -10.48 11.80
C ARG A 141 8.89 -11.71 12.42
N ASN A 142 9.02 -11.85 13.74
CA ASN A 142 8.43 -12.99 14.42
C ASN A 142 6.97 -12.76 14.81
N SER A 143 6.11 -12.70 13.80
CA SER A 143 4.69 -12.53 14.02
C SER A 143 4.13 -13.93 14.23
N VAL A 144 2.85 -14.03 14.60
CA VAL A 144 2.25 -15.34 14.82
C VAL A 144 2.40 -16.20 13.57
N PHE A 145 2.28 -15.60 12.39
CA PHE A 145 2.39 -16.35 11.14
C PHE A 145 3.78 -16.95 11.01
N TYR A 146 4.80 -16.16 11.35
CA TYR A 146 6.17 -16.62 11.25
C TYR A 146 6.52 -17.63 12.34
N ASN A 147 6.10 -17.35 13.58
CA ASN A 147 6.37 -18.26 14.68
C ASN A 147 5.65 -19.60 14.49
N VAL A 148 4.37 -19.56 14.16
CA VAL A 148 3.58 -20.79 13.97
C VAL A 148 3.82 -21.54 12.66
N ILE A 149 3.70 -20.85 11.53
CA ILE A 149 3.88 -21.50 10.21
C ILE A 149 5.33 -21.56 9.73
N GLY A 150 6.11 -20.51 10.03
CA GLY A 150 7.50 -20.47 9.60
C GLY A 150 7.58 -19.67 8.32
N GLU A 151 8.73 -19.71 7.65
CA GLU A 151 8.90 -18.95 6.39
C GLU A 151 8.01 -19.38 5.23
N ASP A 152 7.44 -20.57 5.35
CA ASP A 152 6.57 -21.10 4.32
C ASP A 152 5.27 -20.29 4.18
N TYR A 153 4.92 -19.49 5.18
CA TYR A 153 3.69 -18.72 5.08
C TYR A 153 3.71 -17.76 3.90
N VAL A 154 4.91 -17.32 3.52
CA VAL A 154 5.09 -16.39 2.38
C VAL A 154 4.63 -17.07 1.11
N ARG A 155 5.07 -18.31 0.91
CA ARG A 155 4.68 -19.07 -0.27
C ARG A 155 3.20 -19.33 -0.22
N ILE A 156 2.71 -19.85 0.91
CA ILE A 156 1.28 -20.15 1.06
C ILE A 156 0.40 -18.94 0.76
N ALA A 157 0.80 -17.76 1.24
CA ALA A 157 0.01 -16.57 1.01
C ALA A 157 -0.07 -16.17 -0.45
N PHE A 158 1.08 -15.97 -1.09
CA PHE A 158 1.11 -15.57 -2.48
C PHE A 158 0.48 -16.58 -3.43
N GLU A 159 0.78 -17.85 -3.22
CA GLU A 159 0.22 -18.88 -4.08
C GLU A 159 -1.30 -18.95 -3.97
N THR A 160 -1.84 -18.77 -2.78
CA THR A 160 -3.27 -18.78 -2.60
C THR A 160 -3.85 -17.56 -3.32
N ALA A 161 -3.26 -16.39 -3.04
CA ALA A 161 -3.71 -15.15 -3.67
C ALA A 161 -3.74 -15.26 -5.19
N ARG A 162 -2.64 -15.75 -5.75
CA ARG A 162 -2.50 -15.92 -7.19
C ARG A 162 -3.61 -16.76 -7.80
N SER A 163 -4.00 -17.83 -7.11
CA SER A 163 -5.04 -18.71 -7.62
C SER A 163 -6.44 -18.15 -7.42
N VAL A 164 -6.68 -17.49 -6.30
CA VAL A 164 -8.00 -16.91 -6.03
C VAL A 164 -8.37 -15.82 -7.02
N ASP A 165 -7.41 -14.96 -7.34
CA ASP A 165 -7.63 -13.84 -8.29
C ASP A 165 -6.34 -13.58 -9.08
N PRO A 166 -6.12 -14.32 -10.17
CA PRO A 166 -4.93 -14.15 -11.01
C PRO A 166 -4.84 -12.80 -11.74
N ASN A 167 -5.86 -11.96 -11.58
CA ASN A 167 -5.88 -10.64 -12.21
C ASN A 167 -5.28 -9.53 -11.34
N ALA A 168 -5.08 -9.80 -10.05
CA ALA A 168 -4.51 -8.79 -9.17
C ALA A 168 -3.00 -8.90 -9.16
N LYS A 169 -2.33 -7.78 -8.87
CA LYS A 169 -0.87 -7.74 -8.78
C LYS A 169 -0.57 -8.05 -7.31
N LEU A 170 0.15 -9.14 -7.06
CA LEU A 170 0.47 -9.54 -5.70
C LEU A 170 1.69 -8.78 -5.18
N TYR A 171 1.48 -8.05 -4.09
CA TYR A 171 2.52 -7.23 -3.47
C TYR A 171 2.93 -7.61 -2.06
N ILE A 172 4.15 -7.21 -1.71
CA ILE A 172 4.69 -7.37 -0.37
C ILE A 172 5.03 -5.92 -0.06
N ASN A 173 4.38 -5.39 0.97
CA ASN A 173 4.52 -3.99 1.35
C ASN A 173 5.32 -3.85 2.63
N ASP A 174 6.06 -2.75 2.75
CA ASP A 174 6.84 -2.49 3.94
C ASP A 174 7.34 -1.05 3.96
N TYR A 175 7.62 -0.57 5.17
CA TYR A 175 8.11 0.79 5.36
C TYR A 175 9.59 0.74 5.65
N ASN A 176 10.23 1.90 5.61
CA ASN A 176 11.66 2.06 5.86
C ASN A 176 12.58 1.50 4.76
N LEU A 177 12.04 1.42 3.55
CA LEU A 177 12.78 0.97 2.37
C LEU A 177 13.04 2.31 1.67
N ASP A 178 13.49 3.29 2.43
CA ASP A 178 13.69 4.63 1.91
C ASP A 178 15.08 5.08 1.50
N SER A 179 16.05 4.18 1.51
CA SER A 179 17.40 4.54 1.09
C SER A 179 18.25 3.31 0.82
N ALA A 180 18.90 3.32 -0.35
CA ALA A 180 19.76 2.23 -0.76
C ALA A 180 20.78 1.95 0.32
N GLY A 181 21.01 0.67 0.61
CA GLY A 181 21.98 0.34 1.61
C GLY A 181 21.38 0.11 2.99
N TYR A 182 20.16 0.59 3.22
CA TYR A 182 19.53 0.39 4.52
C TYR A 182 19.27 -1.09 4.71
N SER A 183 19.61 -1.60 5.88
CA SER A 183 19.46 -3.01 6.22
C SER A 183 18.14 -3.66 5.78
N LYS A 184 17.02 -2.97 5.98
CA LYS A 184 15.70 -3.47 5.61
C LYS A 184 15.55 -3.57 4.09
N VAL A 185 16.18 -2.64 3.38
CA VAL A 185 16.14 -2.62 1.92
C VAL A 185 16.90 -3.84 1.41
N ASN A 186 18.07 -4.11 2.00
CA ASN A 186 18.86 -5.27 1.59
C ASN A 186 18.10 -6.55 1.92
N GLY A 187 17.54 -6.63 3.13
CA GLY A 187 16.77 -7.79 3.54
C GLY A 187 15.57 -8.06 2.64
N MET A 188 14.92 -6.99 2.21
CA MET A 188 13.79 -7.12 1.30
C MET A 188 14.26 -7.64 -0.06
N VAL A 189 15.33 -7.03 -0.59
CA VAL A 189 15.85 -7.44 -1.88
C VAL A 189 16.34 -8.89 -1.91
N SER A 190 17.15 -9.29 -0.94
CA SER A 190 17.69 -10.64 -0.92
C SER A 190 16.60 -11.70 -0.77
N HIS A 191 15.64 -11.45 0.12
CA HIS A 191 14.55 -12.40 0.34
C HIS A 191 13.69 -12.56 -0.90
N VAL A 192 13.33 -11.44 -1.52
CA VAL A 192 12.50 -11.46 -2.72
C VAL A 192 13.16 -12.21 -3.87
N LYS A 193 14.48 -12.06 -4.03
CA LYS A 193 15.20 -12.78 -5.10
C LYS A 193 15.10 -14.25 -4.83
N LYS A 194 15.29 -14.62 -3.56
CA LYS A 194 15.20 -16.01 -3.16
C LYS A 194 13.83 -16.56 -3.49
N TRP A 195 12.78 -15.90 -2.97
CA TRP A 195 11.39 -16.30 -3.18
C TRP A 195 11.01 -16.38 -4.66
N LEU A 196 11.38 -15.38 -5.44
CA LEU A 196 11.07 -15.38 -6.86
C LEU A 196 11.73 -16.58 -7.52
N ALA A 197 12.98 -16.87 -7.15
CA ALA A 197 13.70 -18.00 -7.73
C ALA A 197 13.05 -19.34 -7.36
N ALA A 198 12.28 -19.34 -6.27
CA ALA A 198 11.59 -20.53 -5.81
C ALA A 198 10.23 -20.68 -6.46
N GLY A 199 9.83 -19.68 -7.23
CA GLY A 199 8.55 -19.74 -7.93
C GLY A 199 7.38 -19.07 -7.23
N ILE A 200 7.65 -18.33 -6.17
CA ILE A 200 6.60 -17.65 -5.43
C ILE A 200 6.13 -16.46 -6.25
N PRO A 201 4.84 -16.42 -6.60
CA PRO A 201 4.25 -15.34 -7.40
C PRO A 201 4.23 -13.94 -6.75
N ILE A 202 5.38 -13.27 -6.69
CA ILE A 202 5.45 -11.93 -6.13
C ILE A 202 5.60 -10.95 -7.30
N ASP A 203 4.51 -10.27 -7.65
CA ASP A 203 4.52 -9.34 -8.77
C ASP A 203 5.15 -8.00 -8.50
N GLY A 204 5.10 -7.53 -7.26
CA GLY A 204 5.68 -6.24 -6.96
C GLY A 204 6.06 -6.03 -5.51
N ILE A 205 6.84 -5.00 -5.26
CA ILE A 205 7.28 -4.63 -3.92
C ILE A 205 6.67 -3.26 -3.64
N GLY A 206 6.00 -3.14 -2.49
CA GLY A 206 5.37 -1.90 -2.10
C GLY A 206 6.23 -1.21 -1.06
N SER A 207 6.51 0.07 -1.28
CA SER A 207 7.32 0.84 -0.35
C SER A 207 6.45 1.95 0.21
N GLN A 208 6.10 1.83 1.47
CA GLN A 208 5.23 2.79 2.13
C GLN A 208 5.66 4.22 1.95
N THR A 209 6.91 4.51 2.30
CA THR A 209 7.46 5.85 2.16
C THR A 209 6.80 6.86 3.12
N HIS A 210 6.90 6.59 4.43
CA HIS A 210 6.39 7.49 5.46
C HIS A 210 7.66 8.21 5.86
N LEU A 211 7.85 9.41 5.31
CA LEU A 211 9.06 10.16 5.56
C LEU A 211 9.00 11.33 6.51
N GLY A 212 10.18 11.69 7.01
CA GLY A 212 10.36 12.84 7.88
C GLY A 212 10.77 13.94 6.91
N ALA A 213 10.83 15.17 7.37
CA ALA A 213 11.20 16.25 6.47
C ALA A 213 12.64 16.05 6.06
N GLY A 214 12.91 16.22 4.77
CA GLY A 214 14.26 16.07 4.23
C GLY A 214 14.70 14.69 3.76
N ALA A 215 13.82 13.71 3.84
CA ALA A 215 14.17 12.36 3.42
C ALA A 215 13.80 12.03 1.97
N GLY A 216 13.19 13.00 1.29
CA GLY A 216 12.76 12.79 -0.09
C GLY A 216 13.84 12.40 -1.09
N SER A 217 14.93 13.14 -1.11
CA SER A 217 16.03 12.91 -2.04
C SER A 217 16.63 11.51 -2.03
N ALA A 218 16.55 10.82 -0.89
CA ALA A 218 17.12 9.48 -0.77
C ALA A 218 16.20 8.40 -1.32
N VAL A 219 14.97 8.76 -1.63
CA VAL A 219 14.00 7.78 -2.13
C VAL A 219 14.35 7.18 -3.50
N ALA A 220 14.87 7.99 -4.41
CA ALA A 220 15.23 7.50 -5.75
C ALA A 220 16.14 6.27 -5.74
N GLY A 221 17.22 6.34 -4.97
CA GLY A 221 18.16 5.24 -4.88
C GLY A 221 17.59 3.98 -4.26
N ALA A 222 16.69 4.15 -3.31
CA ALA A 222 16.05 3.02 -2.64
C ALA A 222 15.25 2.28 -3.71
N LEU A 223 14.51 3.06 -4.52
CA LEU A 223 13.72 2.48 -5.59
C LEU A 223 14.61 1.72 -6.54
N ASN A 224 15.75 2.32 -6.91
CA ASN A 224 16.70 1.65 -7.81
C ASN A 224 17.17 0.35 -7.21
N ALA A 225 17.47 0.38 -5.92
CA ALA A 225 17.92 -0.81 -5.21
C ALA A 225 16.83 -1.89 -5.20
N LEU A 226 15.59 -1.49 -4.93
CA LEU A 226 14.47 -2.43 -4.89
C LEU A 226 14.28 -3.10 -6.24
N ALA A 227 14.57 -2.35 -7.29
CA ALA A 227 14.45 -2.85 -8.66
C ALA A 227 15.34 -4.06 -8.89
N SER A 228 16.38 -4.22 -8.07
CA SER A 228 17.29 -5.35 -8.21
C SER A 228 16.68 -6.65 -7.68
N ALA A 229 15.58 -6.55 -6.91
CA ALA A 229 14.92 -7.73 -6.36
C ALA A 229 14.41 -8.61 -7.50
N GLY A 230 14.09 -7.97 -8.62
CA GLY A 230 13.62 -8.70 -9.79
C GLY A 230 12.12 -8.85 -9.97
N THR A 231 11.32 -8.07 -9.24
CA THR A 231 9.89 -8.18 -9.42
C THR A 231 9.49 -7.43 -10.68
N LYS A 232 8.33 -7.78 -11.22
CA LYS A 232 7.79 -7.13 -12.40
C LYS A 232 7.69 -5.62 -12.19
N GLU A 233 7.24 -5.21 -11.01
CA GLU A 233 7.05 -3.80 -10.69
C GLU A 233 7.28 -3.48 -9.21
N ILE A 234 7.23 -2.19 -8.91
CA ILE A 234 7.37 -1.67 -7.54
C ILE A 234 6.48 -0.43 -7.46
N ALA A 235 6.24 0.09 -6.25
CA ALA A 235 5.41 1.29 -6.12
C ALA A 235 5.49 1.93 -4.74
N ILE A 236 5.23 3.23 -4.70
CA ILE A 236 5.22 3.99 -3.45
C ILE A 236 3.75 3.88 -3.02
N THR A 237 3.55 3.15 -1.93
CA THR A 237 2.22 2.84 -1.44
C THR A 237 1.53 3.68 -0.38
N GLU A 238 2.28 4.27 0.54
CA GLU A 238 1.65 5.05 1.63
C GLU A 238 2.41 6.32 1.90
N LEU A 239 2.57 7.13 0.86
CA LEU A 239 3.33 8.35 0.97
C LEU A 239 2.80 9.50 1.79
N ASP A 240 3.68 10.03 2.63
CA ASP A 240 3.43 11.22 3.44
C ASP A 240 4.77 11.69 3.97
N ILE A 241 4.99 13.00 3.95
CA ILE A 241 6.25 13.58 4.40
C ILE A 241 5.99 14.70 5.41
N ALA A 242 6.51 14.57 6.61
CA ALA A 242 6.35 15.61 7.63
C ALA A 242 6.80 16.92 7.00
N GLY A 243 6.00 17.97 7.16
CA GLY A 243 6.36 19.25 6.59
C GLY A 243 5.84 19.43 5.18
N ALA A 244 5.62 18.33 4.46
CA ALA A 244 5.11 18.37 3.09
C ALA A 244 5.70 19.47 2.22
N SER A 245 7.01 19.63 2.29
CA SER A 245 7.70 20.65 1.50
C SER A 245 7.65 20.23 0.04
N SER A 246 7.71 21.22 -0.85
CA SER A 246 7.68 20.95 -2.28
C SER A 246 8.92 20.16 -2.70
N THR A 247 10.06 20.44 -2.07
CA THR A 247 11.31 19.74 -2.39
C THR A 247 11.23 18.24 -2.12
N ASP A 248 10.70 17.87 -0.95
CA ASP A 248 10.57 16.46 -0.61
C ASP A 248 9.61 15.75 -1.54
N TYR A 249 8.47 16.37 -1.79
CA TYR A 249 7.46 15.79 -2.67
C TYR A 249 7.89 15.65 -4.13
N VAL A 250 8.51 16.69 -4.68
CA VAL A 250 8.97 16.65 -6.07
C VAL A 250 10.06 15.58 -6.20
N ASN A 251 10.92 15.49 -5.19
CA ASN A 251 11.97 14.48 -5.20
C ASN A 251 11.37 13.08 -5.26
N VAL A 252 10.41 12.81 -4.37
CA VAL A 252 9.77 11.51 -4.31
C VAL A 252 9.03 11.21 -5.60
N VAL A 253 8.37 12.22 -6.16
CA VAL A 253 7.65 12.06 -7.41
C VAL A 253 8.63 11.72 -8.52
N ASN A 254 9.78 12.39 -8.52
CA ASN A 254 10.81 12.13 -9.53
C ASN A 254 11.46 10.76 -9.29
N ALA A 255 11.59 10.38 -8.01
CA ALA A 255 12.18 9.10 -7.68
C ALA A 255 11.43 8.00 -8.42
N CYS A 256 10.10 8.11 -8.44
CA CYS A 256 9.24 7.16 -9.13
C CYS A 256 9.23 7.41 -10.64
N LEU A 257 9.11 8.67 -11.03
CA LEU A 257 9.06 9.01 -12.43
C LEU A 257 10.23 8.44 -13.24
N ASN A 258 11.43 8.51 -12.68
CA ASN A 258 12.63 8.03 -13.34
C ASN A 258 13.03 6.57 -13.11
N GLN A 259 12.09 5.76 -12.64
CA GLN A 259 12.36 4.35 -12.40
C GLN A 259 11.28 3.57 -13.15
N ALA A 260 11.70 2.81 -14.14
CA ALA A 260 10.81 2.02 -14.99
C ALA A 260 9.83 1.09 -14.29
N LYS A 261 10.22 0.53 -13.14
CA LYS A 261 9.35 -0.40 -12.42
C LYS A 261 8.30 0.27 -11.54
N CYS A 262 8.48 1.54 -11.26
CA CYS A 262 7.54 2.26 -10.41
C CYS A 262 6.28 2.58 -11.20
N VAL A 263 5.22 1.83 -10.95
CA VAL A 263 3.97 2.04 -11.67
C VAL A 263 3.14 3.19 -11.12
N GLY A 264 3.29 3.51 -9.85
CA GLY A 264 2.51 4.59 -9.29
C GLY A 264 2.82 5.00 -7.87
N ILE A 265 2.13 6.04 -7.43
CA ILE A 265 2.27 6.59 -6.09
C ILE A 265 0.90 6.70 -5.46
N THR A 266 0.82 6.41 -4.16
CA THR A 266 -0.43 6.51 -3.42
C THR A 266 -0.09 7.34 -2.19
N VAL A 267 -0.69 8.52 -2.09
CA VAL A 267 -0.48 9.41 -0.95
C VAL A 267 -1.42 8.92 0.17
N TRP A 268 -0.87 8.69 1.36
CA TRP A 268 -1.65 8.18 2.50
C TRP A 268 -2.54 9.25 3.12
N GLY A 269 -3.55 9.67 2.36
CA GLY A 269 -4.47 10.68 2.82
C GLY A 269 -4.67 11.79 1.82
N VAL A 270 -5.73 12.58 2.00
CA VAL A 270 -6.00 13.70 1.11
C VAL A 270 -5.62 15.02 1.79
N ALA A 271 -6.27 15.35 2.90
CA ALA A 271 -5.98 16.59 3.63
C ALA A 271 -5.39 16.36 5.03
N ASP A 272 -4.57 17.30 5.48
CA ASP A 272 -3.92 17.20 6.79
C ASP A 272 -4.73 16.73 8.00
N PRO A 273 -5.89 17.35 8.30
CA PRO A 273 -6.69 16.92 9.45
C PRO A 273 -7.03 15.43 9.47
N ASP A 274 -7.08 14.82 8.30
CA ASP A 274 -7.41 13.40 8.20
C ASP A 274 -6.20 12.48 8.16
N SER A 275 -5.01 13.06 8.31
CA SER A 275 -3.78 12.29 8.28
C SER A 275 -3.55 11.56 9.60
N TRP A 276 -3.01 10.34 9.51
CA TRP A 276 -2.73 9.58 10.72
C TRP A 276 -1.52 10.19 11.43
N ARG A 277 -0.94 11.21 10.80
CA ARG A 277 0.20 11.95 11.31
C ARG A 277 -0.15 13.43 11.13
N SER A 278 -1.41 13.76 11.40
CA SER A 278 -1.90 15.13 11.25
C SER A 278 -1.05 16.23 11.89
N SER A 279 -0.44 15.92 13.03
CA SER A 279 0.38 16.89 13.76
C SER A 279 1.60 17.34 12.99
N SER A 280 1.95 16.59 11.94
CA SER A 280 3.09 16.94 11.13
C SER A 280 2.71 17.56 9.80
N SER A 281 1.41 17.70 9.54
CA SER A 281 0.94 18.30 8.28
C SER A 281 1.71 17.66 7.13
N PRO A 282 1.63 16.33 7.00
CA PRO A 282 2.36 15.61 5.94
C PRO A 282 1.63 15.38 4.63
N LEU A 283 0.50 16.03 4.42
CA LEU A 283 -0.27 15.83 3.19
C LEU A 283 -0.29 16.99 2.19
N LEU A 284 -0.85 16.74 1.01
CA LEU A 284 -0.92 17.72 -0.08
C LEU A 284 -2.04 18.77 0.02
N PHE A 285 -3.04 18.53 0.86
CA PHE A 285 -4.12 19.49 1.02
C PHE A 285 -4.14 19.84 2.50
N ASP A 286 -4.48 21.09 2.80
CA ASP A 286 -4.51 21.57 4.19
C ASP A 286 -5.83 21.37 4.94
N GLY A 287 -5.91 21.99 6.12
CA GLY A 287 -7.09 21.92 6.96
C GLY A 287 -8.35 22.40 6.28
N ASN A 288 -8.18 23.29 5.30
CA ASN A 288 -9.32 23.83 4.56
C ASN A 288 -9.56 23.05 3.28
N TYR A 289 -8.92 21.89 3.19
CA TYR A 289 -9.04 21.02 2.02
C TYR A 289 -8.62 21.70 0.73
N ASN A 290 -7.67 22.63 0.87
CA ASN A 290 -7.12 23.40 -0.24
C ASN A 290 -5.70 22.92 -0.57
N PRO A 291 -5.29 23.02 -1.86
CA PRO A 291 -3.97 22.57 -2.27
C PRO A 291 -2.86 23.29 -1.53
N LYS A 292 -1.88 22.54 -1.08
CA LYS A 292 -0.74 23.13 -0.39
C LYS A 292 0.29 23.41 -1.47
N ALA A 293 1.39 24.06 -1.09
CA ALA A 293 2.45 24.37 -2.05
C ALA A 293 3.00 23.12 -2.74
N ALA A 294 3.21 22.06 -1.98
CA ALA A 294 3.74 20.81 -2.51
C ALA A 294 2.93 20.22 -3.66
N TYR A 295 1.60 20.35 -3.59
CA TYR A 295 0.73 19.82 -4.63
C TYR A 295 1.03 20.52 -5.94
N ASN A 296 1.04 21.84 -5.89
CA ASN A 296 1.30 22.63 -7.09
C ASN A 296 2.69 22.33 -7.65
N ALA A 297 3.67 22.20 -6.77
CA ALA A 297 5.04 21.90 -7.18
C ALA A 297 5.12 20.57 -7.93
N ILE A 298 4.39 19.56 -7.44
CA ILE A 298 4.39 18.25 -8.09
C ILE A 298 3.78 18.41 -9.48
N ALA A 299 2.69 19.14 -9.56
CA ALA A 299 2.01 19.38 -10.82
C ALA A 299 2.93 20.02 -11.85
N ASN A 300 3.66 21.04 -11.43
CA ASN A 300 4.57 21.74 -12.34
C ASN A 300 5.86 20.99 -12.66
N ALA A 301 6.06 19.85 -12.03
CA ALA A 301 7.26 19.04 -12.28
C ALA A 301 6.92 18.00 -13.32
N LEU A 302 5.62 17.76 -13.51
CA LEU A 302 5.13 16.79 -14.47
C LEU A 302 4.65 17.45 -15.75
#